data_1B5N
# 
_entry.id   1B5N 
# 
_audit_conform.dict_name       mmcif_pdbx.dic 
_audit_conform.dict_version    5.399 
_audit_conform.dict_location   http://mmcif.pdb.org/dictionaries/ascii/mmcif_pdbx.dic 
# 
loop_
_database_2.database_id 
_database_2.database_code 
_database_2.pdbx_database_accession 
_database_2.pdbx_DOI 
PDB   1B5N         pdb_00001b5n 10.2210/pdb1b5n/pdb 
RCSB  RCSB008012   ?            ?                   
WWPDB D_1000008012 ?            ?                   
# 
loop_
_pdbx_audit_revision_history.ordinal 
_pdbx_audit_revision_history.data_content_type 
_pdbx_audit_revision_history.major_revision 
_pdbx_audit_revision_history.minor_revision 
_pdbx_audit_revision_history.revision_date 
1 'Structure model' 1 0 1999-01-13 
2 'Structure model' 1 1 2008-04-27 
3 'Structure model' 1 2 2011-07-13 
4 'Structure model' 1 3 2022-02-16 
5 'Structure model' 1 4 2023-12-27 
6 'Structure model' 1 5 2024-11-20 
# 
_pdbx_audit_revision_details.ordinal             1 
_pdbx_audit_revision_details.revision_ordinal    1 
_pdbx_audit_revision_details.data_content_type   'Structure model' 
_pdbx_audit_revision_details.provider            repository 
_pdbx_audit_revision_details.type                'Initial release' 
_pdbx_audit_revision_details.description         ? 
_pdbx_audit_revision_details.details             ? 
# 
loop_
_pdbx_audit_revision_group.ordinal 
_pdbx_audit_revision_group.revision_ordinal 
_pdbx_audit_revision_group.data_content_type 
_pdbx_audit_revision_group.group 
1 2 'Structure model' 'Version format compliance' 
2 3 'Structure model' 'Version format compliance' 
3 4 'Structure model' 'Database references'       
4 4 'Structure model' 'Derived calculations'      
5 5 'Structure model' 'Data collection'           
6 6 'Structure model' 'Structure summary'         
# 
loop_
_pdbx_audit_revision_category.ordinal 
_pdbx_audit_revision_category.revision_ordinal 
_pdbx_audit_revision_category.data_content_type 
_pdbx_audit_revision_category.category 
1 4 'Structure model' database_2                
2 4 'Structure model' pdbx_struct_assembly      
3 4 'Structure model' pdbx_struct_oper_list     
4 5 'Structure model' chem_comp_atom            
5 5 'Structure model' chem_comp_bond            
6 6 'Structure model' pdbx_entry_details        
7 6 'Structure model' pdbx_modification_feature 
# 
loop_
_pdbx_audit_revision_item.ordinal 
_pdbx_audit_revision_item.revision_ordinal 
_pdbx_audit_revision_item.data_content_type 
_pdbx_audit_revision_item.item 
1 4 'Structure model' '_database_2.pdbx_DOI'                
2 4 'Structure model' '_database_2.pdbx_database_accession' 
# 
_pdbx_database_status.status_code                     REL 
_pdbx_database_status.entry_id                        1B5N 
_pdbx_database_status.recvd_initial_deposition_date   1999-01-07 
_pdbx_database_status.deposit_site                    BNL 
_pdbx_database_status.process_site                    RCSB 
_pdbx_database_status.status_code_mr                  REL 
_pdbx_database_status.SG_entry                        . 
_pdbx_database_status.pdb_format_compatible           Y 
_pdbx_database_status.status_code_sf                  ? 
_pdbx_database_status.status_code_cs                  ? 
_pdbx_database_status.status_code_nmr_data            ? 
_pdbx_database_status.methods_development_category    ? 
# 
loop_
_audit_author.name 
_audit_author.pdbx_ordinal 
'Volkman, B.F.'  1 
'Clark, K.D.'    2 
'Anderson, M.E.' 3 
'Pech, L.L.'     4 
'Markley, J.L.'  5 
'Strand, M.R.'   6 
# 
_citation.id                        primary 
_citation.title                     
'Structure of the insect cytokine peptide plasmatocyte-spreading peptide 1 from Pseudoplusia includens.' 
_citation.journal_abbrev            J.Biol.Chem. 
_citation.journal_volume            274 
_citation.page_first                4493 
_citation.page_last                 4496 
_citation.year                      1999 
_citation.journal_id_ASTM           JBCHA3 
_citation.country                   US 
_citation.journal_id_ISSN           0021-9258 
_citation.journal_id_CSD            0071 
_citation.book_publisher            ? 
_citation.pdbx_database_id_PubMed   9988679 
_citation.pdbx_database_id_DOI      10.1074/jbc.274.8.4493 
# 
loop_
_citation_author.citation_id 
_citation_author.name 
_citation_author.ordinal 
_citation_author.identifier_ORCID 
primary 'Volkman, B.F.'  1 ? 
primary 'Anderson, M.E.' 2 ? 
primary 'Clark, K.D.'    3 ? 
primary 'Hayakawa, Y.'   4 ? 
primary 'Strand, M.R.'   5 ? 
primary 'Markley, J.L.'  6 ? 
# 
_entity.id                         1 
_entity.type                       polymer 
_entity.src_method                 syn 
_entity.pdbx_description           'PROTEIN (PLASMATOCYTE-SPREADING PEPTIDE)' 
_entity.formula_weight             2511.835 
_entity.pdbx_number_of_molecules   1 
_entity.pdbx_ec                    ? 
_entity.pdbx_mutation              ? 
_entity.pdbx_fragment              ? 
_entity.details                    ? 
# 
_entity_name_com.entity_id   1 
_entity_name_com.name        PSP1 
# 
_entity_poly.entity_id                      1 
_entity_poly.type                           'polypeptide(L)' 
_entity_poly.nstd_linkage                   no 
_entity_poly.nstd_monomer                   no 
_entity_poly.pdbx_seq_one_letter_code       ENFNGGCLAGYMRTADGRCKPTF 
_entity_poly.pdbx_seq_one_letter_code_can   ENFNGGCLAGYMRTADGRCKPTF 
_entity_poly.pdbx_strand_id                 A 
_entity_poly.pdbx_target_identifier         ? 
# 
loop_
_entity_poly_seq.entity_id 
_entity_poly_seq.num 
_entity_poly_seq.mon_id 
_entity_poly_seq.hetero 
1 1  GLU n 
1 2  ASN n 
1 3  PHE n 
1 4  ASN n 
1 5  GLY n 
1 6  GLY n 
1 7  CYS n 
1 8  LEU n 
1 9  ALA n 
1 10 GLY n 
1 11 TYR n 
1 12 MET n 
1 13 ARG n 
1 14 THR n 
1 15 ALA n 
1 16 ASP n 
1 17 GLY n 
1 18 ARG n 
1 19 CYS n 
1 20 LYS n 
1 21 PRO n 
1 22 THR n 
1 23 PHE n 
# 
_pdbx_entity_src_syn.entity_id              1 
_pdbx_entity_src_syn.pdbx_src_id            1 
_pdbx_entity_src_syn.pdbx_alt_source_flag   sample 
_pdbx_entity_src_syn.pdbx_beg_seq_num       ? 
_pdbx_entity_src_syn.pdbx_end_seq_num       ? 
_pdbx_entity_src_syn.organism_scientific    ? 
_pdbx_entity_src_syn.organism_common_name   ? 
_pdbx_entity_src_syn.ncbi_taxonomy_id       ? 
_pdbx_entity_src_syn.details                
;THE PEPTIDE WAS CHEMICALLY SYNTHESIZED BY SOLID-STATE PEPTIDE SYNTHESIS WITH T-BOC METHOD. THE SEQUENCE OF THIS PEPTIDE IS NATURALLY FOUND IN THE HEMOLYMPH TISSUE OF PSEUDOPLUSIA INCLUDENS (SOYBEAN LOOPER MOTH).
;
# 
loop_
_chem_comp.id 
_chem_comp.type 
_chem_comp.mon_nstd_flag 
_chem_comp.name 
_chem_comp.pdbx_synonyms 
_chem_comp.formula 
_chem_comp.formula_weight 
ALA 'L-peptide linking' y ALANINE         ? 'C3 H7 N O2'     89.093  
ARG 'L-peptide linking' y ARGININE        ? 'C6 H15 N4 O2 1' 175.209 
ASN 'L-peptide linking' y ASPARAGINE      ? 'C4 H8 N2 O3'    132.118 
ASP 'L-peptide linking' y 'ASPARTIC ACID' ? 'C4 H7 N O4'     133.103 
CYS 'L-peptide linking' y CYSTEINE        ? 'C3 H7 N O2 S'   121.158 
GLU 'L-peptide linking' y 'GLUTAMIC ACID' ? 'C5 H9 N O4'     147.129 
GLY 'peptide linking'   y GLYCINE         ? 'C2 H5 N O2'     75.067  
LEU 'L-peptide linking' y LEUCINE         ? 'C6 H13 N O2'    131.173 
LYS 'L-peptide linking' y LYSINE          ? 'C6 H15 N2 O2 1' 147.195 
MET 'L-peptide linking' y METHIONINE      ? 'C5 H11 N O2 S'  149.211 
PHE 'L-peptide linking' y PHENYLALANINE   ? 'C9 H11 N O2'    165.189 
PRO 'L-peptide linking' y PROLINE         ? 'C5 H9 N O2'     115.130 
THR 'L-peptide linking' y THREONINE       ? 'C4 H9 N O3'     119.119 
TYR 'L-peptide linking' y TYROSINE        ? 'C9 H11 N O3'    181.189 
# 
loop_
_pdbx_poly_seq_scheme.asym_id 
_pdbx_poly_seq_scheme.entity_id 
_pdbx_poly_seq_scheme.seq_id 
_pdbx_poly_seq_scheme.mon_id 
_pdbx_poly_seq_scheme.ndb_seq_num 
_pdbx_poly_seq_scheme.pdb_seq_num 
_pdbx_poly_seq_scheme.auth_seq_num 
_pdbx_poly_seq_scheme.pdb_mon_id 
_pdbx_poly_seq_scheme.auth_mon_id 
_pdbx_poly_seq_scheme.pdb_strand_id 
_pdbx_poly_seq_scheme.pdb_ins_code 
_pdbx_poly_seq_scheme.hetero 
A 1 1  GLU 1  1  1  GLU GLU A . n 
A 1 2  ASN 2  2  2  ASN ASN A . n 
A 1 3  PHE 3  3  3  PHE PHE A . n 
A 1 4  ASN 4  4  4  ASN ASN A . n 
A 1 5  GLY 5  5  5  GLY GLY A . n 
A 1 6  GLY 6  6  6  GLY GLY A . n 
A 1 7  CYS 7  7  7  CYS CYS A . n 
A 1 8  LEU 8  8  8  LEU LEU A . n 
A 1 9  ALA 9  9  9  ALA ALA A . n 
A 1 10 GLY 10 10 10 GLY GLY A . n 
A 1 11 TYR 11 11 11 TYR TYR A . n 
A 1 12 MET 12 12 12 MET MET A . n 
A 1 13 ARG 13 13 13 ARG ARG A . n 
A 1 14 THR 14 14 14 THR THR A . n 
A 1 15 ALA 15 15 15 ALA ALA A . n 
A 1 16 ASP 16 16 16 ASP ASP A . n 
A 1 17 GLY 17 17 17 GLY GLY A . n 
A 1 18 ARG 18 18 18 ARG ARG A . n 
A 1 19 CYS 19 19 19 CYS CYS A . n 
A 1 20 LYS 20 20 20 LYS LYS A . n 
A 1 21 PRO 21 21 21 PRO PRO A . n 
A 1 22 THR 22 22 22 THR THR A . n 
A 1 23 PHE 23 23 23 PHE PHE A . n 
# 
_cell.entry_id           1B5N 
_cell.length_a           1.000 
_cell.length_b           1.000 
_cell.length_c           1.000 
_cell.angle_alpha        90.00 
_cell.angle_beta         90.00 
_cell.angle_gamma        90.00 
_cell.Z_PDB              1 
_cell.pdbx_unique_axis   ? 
# 
_symmetry.entry_id                         1B5N 
_symmetry.space_group_name_H-M             'P 1' 
_symmetry.pdbx_full_space_group_name_H-M   ? 
_symmetry.cell_setting                     ? 
_symmetry.Int_Tables_number                1 
# 
_exptl.entry_id          1B5N 
_exptl.method            'SOLUTION NMR' 
_exptl.crystals_number   ? 
# 
_struct.entry_id                  1B5N 
_struct.title                     'NMR STRUCTURE OF PSP1, PLASMATOCYTE-SPREADING PEPTIDE FROM PSEUDOPLUSIA INCLUDENS' 
_struct.pdbx_model_details        ? 
_struct.pdbx_CASP_flag            ? 
_struct.pdbx_model_type_details   ? 
# 
_struct_keywords.entry_id        1B5N 
_struct_keywords.pdbx_keywords   'SIGNALING PROTEIN' 
_struct_keywords.text            'INSECT CYTOKINE, PLASMATOCYTE-SPREADING, EGF-LIKE, SIGNALING PROTEIN' 
# 
_struct_asym.id                            A 
_struct_asym.pdbx_blank_PDB_chainid_flag   N 
_struct_asym.pdbx_modified                 N 
_struct_asym.entity_id                     1 
_struct_asym.details                       ? 
# 
_struct_ref.id                         1 
_struct_ref.db_name                    UNP 
_struct_ref.db_code                    PSP1_PSEIC 
_struct_ref.entity_id                  1 
_struct_ref.pdbx_db_accession          O61704 
_struct_ref.pdbx_align_begin           ? 
_struct_ref.pdbx_seq_one_letter_code   ? 
_struct_ref.pdbx_db_isoform            ? 
# 
_struct_ref_seq.align_id                      1 
_struct_ref_seq.ref_id                        1 
_struct_ref_seq.pdbx_PDB_id_code              1B5N 
_struct_ref_seq.pdbx_strand_id                A 
_struct_ref_seq.seq_align_beg                 1 
_struct_ref_seq.pdbx_seq_align_beg_ins_code   ? 
_struct_ref_seq.seq_align_end                 23 
_struct_ref_seq.pdbx_seq_align_end_ins_code   ? 
_struct_ref_seq.pdbx_db_accession             O61704 
_struct_ref_seq.db_align_beg                  119 
_struct_ref_seq.pdbx_db_align_beg_ins_code    ? 
_struct_ref_seq.db_align_end                  141 
_struct_ref_seq.pdbx_db_align_end_ins_code    ? 
_struct_ref_seq.pdbx_auth_seq_align_beg       1 
_struct_ref_seq.pdbx_auth_seq_align_end       23 
# 
_pdbx_struct_assembly.id                   1 
_pdbx_struct_assembly.details              author_defined_assembly 
_pdbx_struct_assembly.method_details       ? 
_pdbx_struct_assembly.oligomeric_details   monomeric 
_pdbx_struct_assembly.oligomeric_count     1 
# 
_pdbx_struct_assembly_gen.assembly_id       1 
_pdbx_struct_assembly_gen.oper_expression   1 
_pdbx_struct_assembly_gen.asym_id_list      A 
# 
_pdbx_struct_oper_list.id                   1 
_pdbx_struct_oper_list.type                 'identity operation' 
_pdbx_struct_oper_list.name                 1_555 
_pdbx_struct_oper_list.symmetry_operation   x,y,z 
_pdbx_struct_oper_list.matrix[1][1]         1.0000000000 
_pdbx_struct_oper_list.matrix[1][2]         0.0000000000 
_pdbx_struct_oper_list.matrix[1][3]         0.0000000000 
_pdbx_struct_oper_list.vector[1]            0.0000000000 
_pdbx_struct_oper_list.matrix[2][1]         0.0000000000 
_pdbx_struct_oper_list.matrix[2][2]         1.0000000000 
_pdbx_struct_oper_list.matrix[2][3]         0.0000000000 
_pdbx_struct_oper_list.vector[2]            0.0000000000 
_pdbx_struct_oper_list.matrix[3][1]         0.0000000000 
_pdbx_struct_oper_list.matrix[3][2]         0.0000000000 
_pdbx_struct_oper_list.matrix[3][3]         1.0000000000 
_pdbx_struct_oper_list.vector[3]            0.0000000000 
# 
_struct_biol.id   1 
# 
loop_
_struct_conn.id 
_struct_conn.conn_type_id 
_struct_conn.pdbx_leaving_atom_flag 
_struct_conn.pdbx_PDB_id 
_struct_conn.ptnr1_label_asym_id 
_struct_conn.ptnr1_label_comp_id 
_struct_conn.ptnr1_label_seq_id 
_struct_conn.ptnr1_label_atom_id 
_struct_conn.pdbx_ptnr1_label_alt_id 
_struct_conn.pdbx_ptnr1_PDB_ins_code 
_struct_conn.pdbx_ptnr1_standard_comp_id 
_struct_conn.ptnr1_symmetry 
_struct_conn.ptnr2_label_asym_id 
_struct_conn.ptnr2_label_comp_id 
_struct_conn.ptnr2_label_seq_id 
_struct_conn.ptnr2_label_atom_id 
_struct_conn.pdbx_ptnr2_label_alt_id 
_struct_conn.pdbx_ptnr2_PDB_ins_code 
_struct_conn.ptnr1_auth_asym_id 
_struct_conn.ptnr1_auth_comp_id 
_struct_conn.ptnr1_auth_seq_id 
_struct_conn.ptnr2_auth_asym_id 
_struct_conn.ptnr2_auth_comp_id 
_struct_conn.ptnr2_auth_seq_id 
_struct_conn.ptnr2_symmetry 
_struct_conn.pdbx_ptnr3_label_atom_id 
_struct_conn.pdbx_ptnr3_label_seq_id 
_struct_conn.pdbx_ptnr3_label_comp_id 
_struct_conn.pdbx_ptnr3_label_asym_id 
_struct_conn.pdbx_ptnr3_label_alt_id 
_struct_conn.pdbx_ptnr3_PDB_ins_code 
_struct_conn.details 
_struct_conn.pdbx_dist_value 
_struct_conn.pdbx_value_order 
_struct_conn.pdbx_role 
disulf1 disulf ? ? A CYS 7  SG ? ? ? 1_555 A CYS 19 SG ? ? A CYS 7  A CYS 19 1_555 ? ? ? ? ? ? ? 2.100 ? ? 
hydrog1 hydrog ? ? A MET 12 H  ? ? ? 1_555 A LYS 20 O  ? ? A MET 12 A LYS 20 1_555 ? ? ? ? ? ? ? ?     ? ? 
# 
loop_
_struct_conn_type.id 
_struct_conn_type.criteria 
_struct_conn_type.reference 
disulf ? ? 
hydrog ? ? 
# 
_pdbx_modification_feature.ordinal                            1 
_pdbx_modification_feature.label_comp_id                      CYS 
_pdbx_modification_feature.label_asym_id                      A 
_pdbx_modification_feature.label_seq_id                       7 
_pdbx_modification_feature.label_alt_id                       ? 
_pdbx_modification_feature.modified_residue_label_comp_id     CYS 
_pdbx_modification_feature.modified_residue_label_asym_id     A 
_pdbx_modification_feature.modified_residue_label_seq_id      19 
_pdbx_modification_feature.modified_residue_label_alt_id      ? 
_pdbx_modification_feature.auth_comp_id                       CYS 
_pdbx_modification_feature.auth_asym_id                       A 
_pdbx_modification_feature.auth_seq_id                        7 
_pdbx_modification_feature.PDB_ins_code                       ? 
_pdbx_modification_feature.symmetry                           1_555 
_pdbx_modification_feature.modified_residue_auth_comp_id      CYS 
_pdbx_modification_feature.modified_residue_auth_asym_id      A 
_pdbx_modification_feature.modified_residue_auth_seq_id       19 
_pdbx_modification_feature.modified_residue_PDB_ins_code      ? 
_pdbx_modification_feature.modified_residue_symmetry          1_555 
_pdbx_modification_feature.comp_id_linking_atom               SG 
_pdbx_modification_feature.modified_residue_id_linking_atom   SG 
_pdbx_modification_feature.modified_residue_id                . 
_pdbx_modification_feature.ref_pcm_id                         . 
_pdbx_modification_feature.ref_comp_id                        . 
_pdbx_modification_feature.type                               None 
_pdbx_modification_feature.category                           'Disulfide bridge' 
# 
_struct_sheet.id               A 
_struct_sheet.type             ? 
_struct_sheet.number_strands   2 
_struct_sheet.details          ? 
# 
_struct_sheet_order.sheet_id     A 
_struct_sheet_order.range_id_1   1 
_struct_sheet_order.range_id_2   2 
_struct_sheet_order.offset       ? 
_struct_sheet_order.sense        anti-parallel 
# 
loop_
_struct_sheet_range.sheet_id 
_struct_sheet_range.id 
_struct_sheet_range.beg_label_comp_id 
_struct_sheet_range.beg_label_asym_id 
_struct_sheet_range.beg_label_seq_id 
_struct_sheet_range.pdbx_beg_PDB_ins_code 
_struct_sheet_range.end_label_comp_id 
_struct_sheet_range.end_label_asym_id 
_struct_sheet_range.end_label_seq_id 
_struct_sheet_range.pdbx_end_PDB_ins_code 
_struct_sheet_range.beg_auth_comp_id 
_struct_sheet_range.beg_auth_asym_id 
_struct_sheet_range.beg_auth_seq_id 
_struct_sheet_range.end_auth_comp_id 
_struct_sheet_range.end_auth_asym_id 
_struct_sheet_range.end_auth_seq_id 
A 1 MET A 12 ? ARG A 13 ? MET A 12 ARG A 13 
A 2 CYS A 19 ? LYS A 20 ? CYS A 19 LYS A 20 
# 
_pdbx_struct_sheet_hbond.sheet_id                A 
_pdbx_struct_sheet_hbond.range_id_1              1 
_pdbx_struct_sheet_hbond.range_id_2              2 
_pdbx_struct_sheet_hbond.range_1_label_atom_id   N 
_pdbx_struct_sheet_hbond.range_1_label_comp_id   MET 
_pdbx_struct_sheet_hbond.range_1_label_asym_id   A 
_pdbx_struct_sheet_hbond.range_1_label_seq_id    12 
_pdbx_struct_sheet_hbond.range_1_PDB_ins_code    ? 
_pdbx_struct_sheet_hbond.range_1_auth_atom_id    N 
_pdbx_struct_sheet_hbond.range_1_auth_comp_id    MET 
_pdbx_struct_sheet_hbond.range_1_auth_asym_id    A 
_pdbx_struct_sheet_hbond.range_1_auth_seq_id     12 
_pdbx_struct_sheet_hbond.range_2_label_atom_id   O 
_pdbx_struct_sheet_hbond.range_2_label_comp_id   LYS 
_pdbx_struct_sheet_hbond.range_2_label_asym_id   A 
_pdbx_struct_sheet_hbond.range_2_label_seq_id    20 
_pdbx_struct_sheet_hbond.range_2_PDB_ins_code    ? 
_pdbx_struct_sheet_hbond.range_2_auth_atom_id    O 
_pdbx_struct_sheet_hbond.range_2_auth_comp_id    LYS 
_pdbx_struct_sheet_hbond.range_2_auth_asym_id    A 
_pdbx_struct_sheet_hbond.range_2_auth_seq_id     20 
# 
_pdbx_entry_details.entry_id                   1B5N 
_pdbx_entry_details.compound_details           ? 
_pdbx_entry_details.source_details             ? 
_pdbx_entry_details.nonpolymer_details         ? 
_pdbx_entry_details.sequence_details           ? 
_pdbx_entry_details.has_ligand_of_interest     ? 
_pdbx_entry_details.has_protein_modification   Y 
# 
loop_
_pdbx_validate_torsion.id 
_pdbx_validate_torsion.PDB_model_num 
_pdbx_validate_torsion.auth_comp_id 
_pdbx_validate_torsion.auth_asym_id 
_pdbx_validate_torsion.auth_seq_id 
_pdbx_validate_torsion.PDB_ins_code 
_pdbx_validate_torsion.label_alt_id 
_pdbx_validate_torsion.phi 
_pdbx_validate_torsion.psi 
1 1 ASN A 4  ? ? -102.09 49.17   
2 1 ALA A 9  ? ? 161.51  95.15   
3 1 THR A 14 ? ? -60.04  -164.30 
4 1 CYS A 19 ? ? -59.23  95.07   
# 
_pdbx_nmr_ensemble.entry_id                                      1B5N 
_pdbx_nmr_ensemble.conformers_calculated_total_number            ? 
_pdbx_nmr_ensemble.conformers_submitted_total_number             1 
_pdbx_nmr_ensemble.conformer_selection_criteria                  'LOWEST TARGET FUNCTION' 
_pdbx_nmr_ensemble.average_constraints_per_residue               ? 
_pdbx_nmr_ensemble.average_constraint_violations_per_residue     ? 
_pdbx_nmr_ensemble.maximum_distance_constraint_violation         ? 
_pdbx_nmr_ensemble.average_distance_constraint_violation         ? 
_pdbx_nmr_ensemble.maximum_upper_distance_constraint_violation   ? 
_pdbx_nmr_ensemble.maximum_lower_distance_constraint_violation   ? 
_pdbx_nmr_ensemble.distance_constraint_violation_method          ? 
_pdbx_nmr_ensemble.maximum_torsion_angle_constraint_violation    ? 
_pdbx_nmr_ensemble.average_torsion_angle_constraint_violation    ? 
_pdbx_nmr_ensemble.torsion_angle_constraint_violation_method     ? 
# 
_pdbx_nmr_exptl_sample_conditions.conditions_id       1 
_pdbx_nmr_exptl_sample_conditions.temperature         283 
_pdbx_nmr_exptl_sample_conditions.pressure            1 
_pdbx_nmr_exptl_sample_conditions.pH                  6.0 
_pdbx_nmr_exptl_sample_conditions.ionic_strength      '50 mM PO4 BUFFER' 
_pdbx_nmr_exptl_sample_conditions.pressure_units      atm 
_pdbx_nmr_exptl_sample_conditions.temperature_units   K 
# 
loop_
_pdbx_nmr_exptl.experiment_id 
_pdbx_nmr_exptl.conditions_id 
_pdbx_nmr_exptl.type 
_pdbx_nmr_exptl.solution_id 
1 1 TOCSY 1 
2 1 NOESY 1 
# 
_pdbx_nmr_details.entry_id   1B5N 
_pdbx_nmr_details.text       
;MEAN STRUCTURE. BOTH: QUADRATURE IN INDIRECT DIM. WAS OBTAINED WITH STATES- TPPI. WATER SUPPRESION WAS ACHIEVED WITH A WATERGATE SEQ. WITH A 3-9-19 SELECTIVE INVERSION
;
# 
_pdbx_nmr_refine.entry_id           1B5N 
_pdbx_nmr_refine.method             'torsion angle dynamics' 
_pdbx_nmr_refine.details            
'THE FILES IN THE DATABASE SHOULD BE SUFFICIENT TO RECONSTRUCT THE STRUCTURE. ALSO REFER TO THE REF. ABOVE AND THE PSP1 PAPER.' 
_pdbx_nmr_refine.software_ordinal   1 
# 
loop_
_pdbx_nmr_software.classification 
_pdbx_nmr_software.name 
_pdbx_nmr_software.version 
_pdbx_nmr_software.authors 
_pdbx_nmr_software.ordinal 
refinement           DYANA  1.5 'R. GUNTERT, C. MUMENTHALER, K. WUTHRICH' 1 
'structure solution' DYANA  ?   ?                                         2 
'structure solution' GARANT ?   ?                                         3 
'structure solution' XEASY  ?   ?                                         4 
# 
loop_
_chem_comp_atom.comp_id 
_chem_comp_atom.atom_id 
_chem_comp_atom.type_symbol 
_chem_comp_atom.pdbx_aromatic_flag 
_chem_comp_atom.pdbx_stereo_config 
_chem_comp_atom.pdbx_ordinal 
ALA N    N N N 1   
ALA CA   C N S 2   
ALA C    C N N 3   
ALA O    O N N 4   
ALA CB   C N N 5   
ALA OXT  O N N 6   
ALA H    H N N 7   
ALA H2   H N N 8   
ALA HA   H N N 9   
ALA HB1  H N N 10  
ALA HB2  H N N 11  
ALA HB3  H N N 12  
ALA HXT  H N N 13  
ARG N    N N N 14  
ARG CA   C N S 15  
ARG C    C N N 16  
ARG O    O N N 17  
ARG CB   C N N 18  
ARG CG   C N N 19  
ARG CD   C N N 20  
ARG NE   N N N 21  
ARG CZ   C N N 22  
ARG NH1  N N N 23  
ARG NH2  N N N 24  
ARG OXT  O N N 25  
ARG H    H N N 26  
ARG H2   H N N 27  
ARG HA   H N N 28  
ARG HB2  H N N 29  
ARG HB3  H N N 30  
ARG HG2  H N N 31  
ARG HG3  H N N 32  
ARG HD2  H N N 33  
ARG HD3  H N N 34  
ARG HE   H N N 35  
ARG HH11 H N N 36  
ARG HH12 H N N 37  
ARG HH21 H N N 38  
ARG HH22 H N N 39  
ARG HXT  H N N 40  
ASN N    N N N 41  
ASN CA   C N S 42  
ASN C    C N N 43  
ASN O    O N N 44  
ASN CB   C N N 45  
ASN CG   C N N 46  
ASN OD1  O N N 47  
ASN ND2  N N N 48  
ASN OXT  O N N 49  
ASN H    H N N 50  
ASN H2   H N N 51  
ASN HA   H N N 52  
ASN HB2  H N N 53  
ASN HB3  H N N 54  
ASN HD21 H N N 55  
ASN HD22 H N N 56  
ASN HXT  H N N 57  
ASP N    N N N 58  
ASP CA   C N S 59  
ASP C    C N N 60  
ASP O    O N N 61  
ASP CB   C N N 62  
ASP CG   C N N 63  
ASP OD1  O N N 64  
ASP OD2  O N N 65  
ASP OXT  O N N 66  
ASP H    H N N 67  
ASP H2   H N N 68  
ASP HA   H N N 69  
ASP HB2  H N N 70  
ASP HB3  H N N 71  
ASP HD2  H N N 72  
ASP HXT  H N N 73  
CYS N    N N N 74  
CYS CA   C N R 75  
CYS C    C N N 76  
CYS O    O N N 77  
CYS CB   C N N 78  
CYS SG   S N N 79  
CYS OXT  O N N 80  
CYS H    H N N 81  
CYS H2   H N N 82  
CYS HA   H N N 83  
CYS HB2  H N N 84  
CYS HB3  H N N 85  
CYS HG   H N N 86  
CYS HXT  H N N 87  
GLU N    N N N 88  
GLU CA   C N S 89  
GLU C    C N N 90  
GLU O    O N N 91  
GLU CB   C N N 92  
GLU CG   C N N 93  
GLU CD   C N N 94  
GLU OE1  O N N 95  
GLU OE2  O N N 96  
GLU OXT  O N N 97  
GLU H    H N N 98  
GLU H2   H N N 99  
GLU HA   H N N 100 
GLU HB2  H N N 101 
GLU HB3  H N N 102 
GLU HG2  H N N 103 
GLU HG3  H N N 104 
GLU HE2  H N N 105 
GLU HXT  H N N 106 
GLY N    N N N 107 
GLY CA   C N N 108 
GLY C    C N N 109 
GLY O    O N N 110 
GLY OXT  O N N 111 
GLY H    H N N 112 
GLY H2   H N N 113 
GLY HA2  H N N 114 
GLY HA3  H N N 115 
GLY HXT  H N N 116 
LEU N    N N N 117 
LEU CA   C N S 118 
LEU C    C N N 119 
LEU O    O N N 120 
LEU CB   C N N 121 
LEU CG   C N N 122 
LEU CD1  C N N 123 
LEU CD2  C N N 124 
LEU OXT  O N N 125 
LEU H    H N N 126 
LEU H2   H N N 127 
LEU HA   H N N 128 
LEU HB2  H N N 129 
LEU HB3  H N N 130 
LEU HG   H N N 131 
LEU HD11 H N N 132 
LEU HD12 H N N 133 
LEU HD13 H N N 134 
LEU HD21 H N N 135 
LEU HD22 H N N 136 
LEU HD23 H N N 137 
LEU HXT  H N N 138 
LYS N    N N N 139 
LYS CA   C N S 140 
LYS C    C N N 141 
LYS O    O N N 142 
LYS CB   C N N 143 
LYS CG   C N N 144 
LYS CD   C N N 145 
LYS CE   C N N 146 
LYS NZ   N N N 147 
LYS OXT  O N N 148 
LYS H    H N N 149 
LYS H2   H N N 150 
LYS HA   H N N 151 
LYS HB2  H N N 152 
LYS HB3  H N N 153 
LYS HG2  H N N 154 
LYS HG3  H N N 155 
LYS HD2  H N N 156 
LYS HD3  H N N 157 
LYS HE2  H N N 158 
LYS HE3  H N N 159 
LYS HZ1  H N N 160 
LYS HZ2  H N N 161 
LYS HZ3  H N N 162 
LYS HXT  H N N 163 
MET N    N N N 164 
MET CA   C N S 165 
MET C    C N N 166 
MET O    O N N 167 
MET CB   C N N 168 
MET CG   C N N 169 
MET SD   S N N 170 
MET CE   C N N 171 
MET OXT  O N N 172 
MET H    H N N 173 
MET H2   H N N 174 
MET HA   H N N 175 
MET HB2  H N N 176 
MET HB3  H N N 177 
MET HG2  H N N 178 
MET HG3  H N N 179 
MET HE1  H N N 180 
MET HE2  H N N 181 
MET HE3  H N N 182 
MET HXT  H N N 183 
PHE N    N N N 184 
PHE CA   C N S 185 
PHE C    C N N 186 
PHE O    O N N 187 
PHE CB   C N N 188 
PHE CG   C Y N 189 
PHE CD1  C Y N 190 
PHE CD2  C Y N 191 
PHE CE1  C Y N 192 
PHE CE2  C Y N 193 
PHE CZ   C Y N 194 
PHE OXT  O N N 195 
PHE H    H N N 196 
PHE H2   H N N 197 
PHE HA   H N N 198 
PHE HB2  H N N 199 
PHE HB3  H N N 200 
PHE HD1  H N N 201 
PHE HD2  H N N 202 
PHE HE1  H N N 203 
PHE HE2  H N N 204 
PHE HZ   H N N 205 
PHE HXT  H N N 206 
PRO N    N N N 207 
PRO CA   C N S 208 
PRO C    C N N 209 
PRO O    O N N 210 
PRO CB   C N N 211 
PRO CG   C N N 212 
PRO CD   C N N 213 
PRO OXT  O N N 214 
PRO H    H N N 215 
PRO HA   H N N 216 
PRO HB2  H N N 217 
PRO HB3  H N N 218 
PRO HG2  H N N 219 
PRO HG3  H N N 220 
PRO HD2  H N N 221 
PRO HD3  H N N 222 
PRO HXT  H N N 223 
THR N    N N N 224 
THR CA   C N S 225 
THR C    C N N 226 
THR O    O N N 227 
THR CB   C N R 228 
THR OG1  O N N 229 
THR CG2  C N N 230 
THR OXT  O N N 231 
THR H    H N N 232 
THR H2   H N N 233 
THR HA   H N N 234 
THR HB   H N N 235 
THR HG1  H N N 236 
THR HG21 H N N 237 
THR HG22 H N N 238 
THR HG23 H N N 239 
THR HXT  H N N 240 
TYR N    N N N 241 
TYR CA   C N S 242 
TYR C    C N N 243 
TYR O    O N N 244 
TYR CB   C N N 245 
TYR CG   C Y N 246 
TYR CD1  C Y N 247 
TYR CD2  C Y N 248 
TYR CE1  C Y N 249 
TYR CE2  C Y N 250 
TYR CZ   C Y N 251 
TYR OH   O N N 252 
TYR OXT  O N N 253 
TYR H    H N N 254 
TYR H2   H N N 255 
TYR HA   H N N 256 
TYR HB2  H N N 257 
TYR HB3  H N N 258 
TYR HD1  H N N 259 
TYR HD2  H N N 260 
TYR HE1  H N N 261 
TYR HE2  H N N 262 
TYR HH   H N N 263 
TYR HXT  H N N 264 
# 
loop_
_chem_comp_bond.comp_id 
_chem_comp_bond.atom_id_1 
_chem_comp_bond.atom_id_2 
_chem_comp_bond.value_order 
_chem_comp_bond.pdbx_aromatic_flag 
_chem_comp_bond.pdbx_stereo_config 
_chem_comp_bond.pdbx_ordinal 
ALA N   CA   sing N N 1   
ALA N   H    sing N N 2   
ALA N   H2   sing N N 3   
ALA CA  C    sing N N 4   
ALA CA  CB   sing N N 5   
ALA CA  HA   sing N N 6   
ALA C   O    doub N N 7   
ALA C   OXT  sing N N 8   
ALA CB  HB1  sing N N 9   
ALA CB  HB2  sing N N 10  
ALA CB  HB3  sing N N 11  
ALA OXT HXT  sing N N 12  
ARG N   CA   sing N N 13  
ARG N   H    sing N N 14  
ARG N   H2   sing N N 15  
ARG CA  C    sing N N 16  
ARG CA  CB   sing N N 17  
ARG CA  HA   sing N N 18  
ARG C   O    doub N N 19  
ARG C   OXT  sing N N 20  
ARG CB  CG   sing N N 21  
ARG CB  HB2  sing N N 22  
ARG CB  HB3  sing N N 23  
ARG CG  CD   sing N N 24  
ARG CG  HG2  sing N N 25  
ARG CG  HG3  sing N N 26  
ARG CD  NE   sing N N 27  
ARG CD  HD2  sing N N 28  
ARG CD  HD3  sing N N 29  
ARG NE  CZ   sing N N 30  
ARG NE  HE   sing N N 31  
ARG CZ  NH1  sing N N 32  
ARG CZ  NH2  doub N N 33  
ARG NH1 HH11 sing N N 34  
ARG NH1 HH12 sing N N 35  
ARG NH2 HH21 sing N N 36  
ARG NH2 HH22 sing N N 37  
ARG OXT HXT  sing N N 38  
ASN N   CA   sing N N 39  
ASN N   H    sing N N 40  
ASN N   H2   sing N N 41  
ASN CA  C    sing N N 42  
ASN CA  CB   sing N N 43  
ASN CA  HA   sing N N 44  
ASN C   O    doub N N 45  
ASN C   OXT  sing N N 46  
ASN CB  CG   sing N N 47  
ASN CB  HB2  sing N N 48  
ASN CB  HB3  sing N N 49  
ASN CG  OD1  doub N N 50  
ASN CG  ND2  sing N N 51  
ASN ND2 HD21 sing N N 52  
ASN ND2 HD22 sing N N 53  
ASN OXT HXT  sing N N 54  
ASP N   CA   sing N N 55  
ASP N   H    sing N N 56  
ASP N   H2   sing N N 57  
ASP CA  C    sing N N 58  
ASP CA  CB   sing N N 59  
ASP CA  HA   sing N N 60  
ASP C   O    doub N N 61  
ASP C   OXT  sing N N 62  
ASP CB  CG   sing N N 63  
ASP CB  HB2  sing N N 64  
ASP CB  HB3  sing N N 65  
ASP CG  OD1  doub N N 66  
ASP CG  OD2  sing N N 67  
ASP OD2 HD2  sing N N 68  
ASP OXT HXT  sing N N 69  
CYS N   CA   sing N N 70  
CYS N   H    sing N N 71  
CYS N   H2   sing N N 72  
CYS CA  C    sing N N 73  
CYS CA  CB   sing N N 74  
CYS CA  HA   sing N N 75  
CYS C   O    doub N N 76  
CYS C   OXT  sing N N 77  
CYS CB  SG   sing N N 78  
CYS CB  HB2  sing N N 79  
CYS CB  HB3  sing N N 80  
CYS SG  HG   sing N N 81  
CYS OXT HXT  sing N N 82  
GLU N   CA   sing N N 83  
GLU N   H    sing N N 84  
GLU N   H2   sing N N 85  
GLU CA  C    sing N N 86  
GLU CA  CB   sing N N 87  
GLU CA  HA   sing N N 88  
GLU C   O    doub N N 89  
GLU C   OXT  sing N N 90  
GLU CB  CG   sing N N 91  
GLU CB  HB2  sing N N 92  
GLU CB  HB3  sing N N 93  
GLU CG  CD   sing N N 94  
GLU CG  HG2  sing N N 95  
GLU CG  HG3  sing N N 96  
GLU CD  OE1  doub N N 97  
GLU CD  OE2  sing N N 98  
GLU OE2 HE2  sing N N 99  
GLU OXT HXT  sing N N 100 
GLY N   CA   sing N N 101 
GLY N   H    sing N N 102 
GLY N   H2   sing N N 103 
GLY CA  C    sing N N 104 
GLY CA  HA2  sing N N 105 
GLY CA  HA3  sing N N 106 
GLY C   O    doub N N 107 
GLY C   OXT  sing N N 108 
GLY OXT HXT  sing N N 109 
LEU N   CA   sing N N 110 
LEU N   H    sing N N 111 
LEU N   H2   sing N N 112 
LEU CA  C    sing N N 113 
LEU CA  CB   sing N N 114 
LEU CA  HA   sing N N 115 
LEU C   O    doub N N 116 
LEU C   OXT  sing N N 117 
LEU CB  CG   sing N N 118 
LEU CB  HB2  sing N N 119 
LEU CB  HB3  sing N N 120 
LEU CG  CD1  sing N N 121 
LEU CG  CD2  sing N N 122 
LEU CG  HG   sing N N 123 
LEU CD1 HD11 sing N N 124 
LEU CD1 HD12 sing N N 125 
LEU CD1 HD13 sing N N 126 
LEU CD2 HD21 sing N N 127 
LEU CD2 HD22 sing N N 128 
LEU CD2 HD23 sing N N 129 
LEU OXT HXT  sing N N 130 
LYS N   CA   sing N N 131 
LYS N   H    sing N N 132 
LYS N   H2   sing N N 133 
LYS CA  C    sing N N 134 
LYS CA  CB   sing N N 135 
LYS CA  HA   sing N N 136 
LYS C   O    doub N N 137 
LYS C   OXT  sing N N 138 
LYS CB  CG   sing N N 139 
LYS CB  HB2  sing N N 140 
LYS CB  HB3  sing N N 141 
LYS CG  CD   sing N N 142 
LYS CG  HG2  sing N N 143 
LYS CG  HG3  sing N N 144 
LYS CD  CE   sing N N 145 
LYS CD  HD2  sing N N 146 
LYS CD  HD3  sing N N 147 
LYS CE  NZ   sing N N 148 
LYS CE  HE2  sing N N 149 
LYS CE  HE3  sing N N 150 
LYS NZ  HZ1  sing N N 151 
LYS NZ  HZ2  sing N N 152 
LYS NZ  HZ3  sing N N 153 
LYS OXT HXT  sing N N 154 
MET N   CA   sing N N 155 
MET N   H    sing N N 156 
MET N   H2   sing N N 157 
MET CA  C    sing N N 158 
MET CA  CB   sing N N 159 
MET CA  HA   sing N N 160 
MET C   O    doub N N 161 
MET C   OXT  sing N N 162 
MET CB  CG   sing N N 163 
MET CB  HB2  sing N N 164 
MET CB  HB3  sing N N 165 
MET CG  SD   sing N N 166 
MET CG  HG2  sing N N 167 
MET CG  HG3  sing N N 168 
MET SD  CE   sing N N 169 
MET CE  HE1  sing N N 170 
MET CE  HE2  sing N N 171 
MET CE  HE3  sing N N 172 
MET OXT HXT  sing N N 173 
PHE N   CA   sing N N 174 
PHE N   H    sing N N 175 
PHE N   H2   sing N N 176 
PHE CA  C    sing N N 177 
PHE CA  CB   sing N N 178 
PHE CA  HA   sing N N 179 
PHE C   O    doub N N 180 
PHE C   OXT  sing N N 181 
PHE CB  CG   sing N N 182 
PHE CB  HB2  sing N N 183 
PHE CB  HB3  sing N N 184 
PHE CG  CD1  doub Y N 185 
PHE CG  CD2  sing Y N 186 
PHE CD1 CE1  sing Y N 187 
PHE CD1 HD1  sing N N 188 
PHE CD2 CE2  doub Y N 189 
PHE CD2 HD2  sing N N 190 
PHE CE1 CZ   doub Y N 191 
PHE CE1 HE1  sing N N 192 
PHE CE2 CZ   sing Y N 193 
PHE CE2 HE2  sing N N 194 
PHE CZ  HZ   sing N N 195 
PHE OXT HXT  sing N N 196 
PRO N   CA   sing N N 197 
PRO N   CD   sing N N 198 
PRO N   H    sing N N 199 
PRO CA  C    sing N N 200 
PRO CA  CB   sing N N 201 
PRO CA  HA   sing N N 202 
PRO C   O    doub N N 203 
PRO C   OXT  sing N N 204 
PRO CB  CG   sing N N 205 
PRO CB  HB2  sing N N 206 
PRO CB  HB3  sing N N 207 
PRO CG  CD   sing N N 208 
PRO CG  HG2  sing N N 209 
PRO CG  HG3  sing N N 210 
PRO CD  HD2  sing N N 211 
PRO CD  HD3  sing N N 212 
PRO OXT HXT  sing N N 213 
THR N   CA   sing N N 214 
THR N   H    sing N N 215 
THR N   H2   sing N N 216 
THR CA  C    sing N N 217 
THR CA  CB   sing N N 218 
THR CA  HA   sing N N 219 
THR C   O    doub N N 220 
THR C   OXT  sing N N 221 
THR CB  OG1  sing N N 222 
THR CB  CG2  sing N N 223 
THR CB  HB   sing N N 224 
THR OG1 HG1  sing N N 225 
THR CG2 HG21 sing N N 226 
THR CG2 HG22 sing N N 227 
THR CG2 HG23 sing N N 228 
THR OXT HXT  sing N N 229 
TYR N   CA   sing N N 230 
TYR N   H    sing N N 231 
TYR N   H2   sing N N 232 
TYR CA  C    sing N N 233 
TYR CA  CB   sing N N 234 
TYR CA  HA   sing N N 235 
TYR C   O    doub N N 236 
TYR C   OXT  sing N N 237 
TYR CB  CG   sing N N 238 
TYR CB  HB2  sing N N 239 
TYR CB  HB3  sing N N 240 
TYR CG  CD1  doub Y N 241 
TYR CG  CD2  sing Y N 242 
TYR CD1 CE1  sing Y N 243 
TYR CD1 HD1  sing N N 244 
TYR CD2 CE2  doub Y N 245 
TYR CD2 HD2  sing N N 246 
TYR CE1 CZ   doub Y N 247 
TYR CE1 HE1  sing N N 248 
TYR CE2 CZ   sing Y N 249 
TYR CE2 HE2  sing N N 250 
TYR CZ  OH   sing N N 251 
TYR OH  HH   sing N N 252 
TYR OXT HXT  sing N N 253 
# 
loop_
_pdbx_nmr_spectrometer.spectrometer_id 
_pdbx_nmr_spectrometer.model 
_pdbx_nmr_spectrometer.manufacturer 
_pdbx_nmr_spectrometer.field_strength 
_pdbx_nmr_spectrometer.type 
1 DMX500 Bruker 500 ? 
2 DMX750 Bruker 750 ? 
# 
_atom_sites.entry_id                    1B5N 
_atom_sites.fract_transf_matrix[1][1]   1.000000 
_atom_sites.fract_transf_matrix[1][2]   0.000000 
_atom_sites.fract_transf_matrix[1][3]   0.000000 
_atom_sites.fract_transf_matrix[2][1]   0.000000 
_atom_sites.fract_transf_matrix[2][2]   1.000000 
_atom_sites.fract_transf_matrix[2][3]   0.000000 
_atom_sites.fract_transf_matrix[3][1]   0.000000 
_atom_sites.fract_transf_matrix[3][2]   0.000000 
_atom_sites.fract_transf_matrix[3][3]   1.000000 
_atom_sites.fract_transf_vector[1]      0.00000 
_atom_sites.fract_transf_vector[2]      0.00000 
_atom_sites.fract_transf_vector[3]      0.00000 
# 
loop_
_atom_type.symbol 
C 
H 
N 
O 
S 
# 
loop_
_atom_site.group_PDB 
_atom_site.id 
_atom_site.type_symbol 
_atom_site.label_atom_id 
_atom_site.label_alt_id 
_atom_site.label_comp_id 
_atom_site.label_asym_id 
_atom_site.label_entity_id 
_atom_site.label_seq_id 
_atom_site.pdbx_PDB_ins_code 
_atom_site.Cartn_x 
_atom_site.Cartn_y 
_atom_site.Cartn_z 
_atom_site.occupancy 
_atom_site.B_iso_or_equiv 
_atom_site.pdbx_formal_charge 
_atom_site.auth_seq_id 
_atom_site.auth_comp_id 
_atom_site.auth_asym_id 
_atom_site.auth_atom_id 
_atom_site.pdbx_PDB_model_num 
ATOM 1   N N    . GLU A 1 1  ? 9.843   -10.014 -1.762 1.00 0.00 ? 1  GLU A N    1 
ATOM 2   C CA   . GLU A 1 1  ? 8.471   -9.912  -1.299 1.00 0.00 ? 1  GLU A CA   1 
ATOM 3   C C    . GLU A 1 1  ? 7.638   -9.088  -2.284 1.00 0.00 ? 1  GLU A C    1 
ATOM 4   O O    . GLU A 1 1  ? 7.752   -7.863  -2.324 1.00 0.00 ? 1  GLU A O    1 
ATOM 5   C CB   . GLU A 1 1  ? 8.408   -9.313  0.108  1.00 0.00 ? 1  GLU A CB   1 
ATOM 6   C CG   . GLU A 1 1  ? 9.326   -10.073 1.068  1.00 0.00 ? 1  GLU A CG   1 
ATOM 7   C CD   . GLU A 1 1  ? 8.940   -9.802  2.524  1.00 0.00 ? 1  GLU A CD   1 
ATOM 8   O OE1  . GLU A 1 1  ? 9.050   -8.625  2.930  1.00 0.00 ? 1  GLU A OE1  1 
ATOM 9   O OE2  . GLU A 1 1  ? 8.545   -10.779 3.197  1.00 0.00 ? 1  GLU A OE2  1 
ATOM 10  H H    . GLU A 1 1  ? 10.451  -10.541 -1.168 1.00 0.00 ? 1  GLU A H    1 
ATOM 11  H HA   . GLU A 1 1  ? 8.099   -10.936 -1.267 1.00 0.00 ? 1  GLU A HA   1 
ATOM 12  H HB2  . GLU A 1 1  ? 8.703   -8.264  0.073  1.00 0.00 ? 1  GLU A HB2  1 
ATOM 13  H HB3  . GLU A 1 1  ? 7.383   -9.345  0.476  1.00 0.00 ? 1  GLU A HB3  1 
ATOM 14  H HG2  . GLU A 1 1  ? 9.265   -11.142 0.865  1.00 0.00 ? 1  GLU A HG2  1 
ATOM 15  H HG3  . GLU A 1 1  ? 10.361  -9.776  0.900  1.00 0.00 ? 1  GLU A HG3  1 
ATOM 16  N N    . ASN A 1 2  ? 6.821   -9.791  -3.052 1.00 0.00 ? 2  ASN A N    1 
ATOM 17  C CA   . ASN A 1 2  ? 5.969   -9.139  -4.033 1.00 0.00 ? 2  ASN A CA   1 
ATOM 18  C C    . ASN A 1 2  ? 5.093   -8.100  -3.330 1.00 0.00 ? 2  ASN A C    1 
ATOM 19  O O    . ASN A 1 2  ? 4.999   -8.090  -2.104 1.00 0.00 ? 2  ASN A O    1 
ATOM 20  C CB   . ASN A 1 2  ? 5.045   -10.148 -4.719 1.00 0.00 ? 2  ASN A CB   1 
ATOM 21  C CG   . ASN A 1 2  ? 5.803   -11.430 -5.076 1.00 0.00 ? 2  ASN A CG   1 
ATOM 22  O OD1  . ASN A 1 2  ? 5.531   -12.504 -4.567 1.00 0.00 ? 2  ASN A OD1  1 
ATOM 23  N ND2  . ASN A 1 2  ? 6.766   -11.255 -5.977 1.00 0.00 ? 2  ASN A ND2  1 
ATOM 24  H H    . ASN A 1 2  ? 6.734   -10.787 -3.013 1.00 0.00 ? 2  ASN A H    1 
ATOM 25  H HA   . ASN A 1 2  ? 6.653   -8.691  -4.753 1.00 0.00 ? 2  ASN A HA   1 
ATOM 26  H HB2  . ASN A 1 2  ? 4.209   -10.388 -4.060 1.00 0.00 ? 2  ASN A HB2  1 
ATOM 27  H HB3  . ASN A 1 2  ? 4.625   -9.707  -5.621 1.00 0.00 ? 2  ASN A HB3  1 
ATOM 28  H HD21 . ASN A 1 2  ? 6.937   -10.345 -6.355 1.00 0.00 ? 2  ASN A HD21 1 
ATOM 29  H HD22 . ASN A 1 2  ? 7.316   -12.033 -6.276 1.00 0.00 ? 2  ASN A HD22 1 
ATOM 30  N N    . PHE A 1 3  ? 4.475   -7.251  -4.138 1.00 0.00 ? 3  PHE A N    1 
ATOM 31  C CA   . PHE A 1 3  ? 3.612   -6.209  -3.609 1.00 0.00 ? 3  PHE A CA   1 
ATOM 32  C C    . PHE A 1 3  ? 2.137   -6.557  -3.825 1.00 0.00 ? 3  PHE A C    1 
ATOM 33  O O    . PHE A 1 3  ? 1.800   -7.300  -4.745 1.00 0.00 ? 3  PHE A O    1 
ATOM 34  C CB   . PHE A 1 3  ? 3.938   -4.925  -4.375 1.00 0.00 ? 3  PHE A CB   1 
ATOM 35  C CG   . PHE A 1 3  ? 4.132   -5.131  -5.879 1.00 0.00 ? 3  PHE A CG   1 
ATOM 36  C CD1  . PHE A 1 3  ? 5.350   -5.489  -6.365 1.00 0.00 ? 3  PHE A CD1  1 
ATOM 37  C CD2  . PHE A 1 3  ? 3.084   -4.956  -6.730 1.00 0.00 ? 3  PHE A CD2  1 
ATOM 38  C CE1  . PHE A 1 3  ? 5.530   -5.680  -7.761 1.00 0.00 ? 3  PHE A CE1  1 
ATOM 39  C CE2  . PHE A 1 3  ? 3.265   -5.148  -8.126 1.00 0.00 ? 3  PHE A CE2  1 
ATOM 40  C CZ   . PHE A 1 3  ? 4.484   -5.505  -8.612 1.00 0.00 ? 3  PHE A CZ   1 
ATOM 41  H H    . PHE A 1 3  ? 4.557   -7.266  -5.134 1.00 0.00 ? 3  PHE A H    1 
ATOM 42  H HA   . PHE A 1 3  ? 3.812   -6.133  -2.540 1.00 0.00 ? 3  PHE A HA   1 
ATOM 43  H HB2  . PHE A 1 3  ? 3.134   -4.207  -4.219 1.00 0.00 ? 3  PHE A HB2  1 
ATOM 44  H HB3  . PHE A 1 3  ? 4.844   -4.486  -3.960 1.00 0.00 ? 3  PHE A HB3  1 
ATOM 45  H HD1  . PHE A 1 3  ? 6.189   -5.630  -5.684 1.00 0.00 ? 3  PHE A HD1  1 
ATOM 46  H HD2  . PHE A 1 3  ? 2.108   -4.670  -6.341 1.00 0.00 ? 3  PHE A HD2  1 
ATOM 47  H HE1  . PHE A 1 3  ? 6.508   -5.966  -8.151 1.00 0.00 ? 3  PHE A HE1  1 
ATOM 48  H HE2  . PHE A 1 3  ? 2.426   -5.008  -8.808 1.00 0.00 ? 3  PHE A HE2  1 
ATOM 49  H HZ   . PHE A 1 3  ? 4.622   -5.651  -9.683 1.00 0.00 ? 3  PHE A HZ   1 
ATOM 50  N N    . ASN A 1 4  ? 1.299   -6.004  -2.961 1.00 0.00 ? 4  ASN A N    1 
ATOM 51  C CA   . ASN A 1 4  ? -0.131  -6.247  -3.045 1.00 0.00 ? 4  ASN A CA   1 
ATOM 52  C C    . ASN A 1 4  ? -0.813  -5.035  -3.686 1.00 0.00 ? 4  ASN A C    1 
ATOM 53  O O    . ASN A 1 4  ? -1.804  -4.528  -3.163 1.00 0.00 ? 4  ASN A O    1 
ATOM 54  C CB   . ASN A 1 4  ? -0.737  -6.451  -1.656 1.00 0.00 ? 4  ASN A CB   1 
ATOM 55  C CG   . ASN A 1 4  ? -0.300  -5.339  -0.698 1.00 0.00 ? 4  ASN A CG   1 
ATOM 56  O OD1  . ASN A 1 4  ? -0.950  -4.317  -0.555 1.00 0.00 ? 4  ASN A OD1  1 
ATOM 57  N ND2  . ASN A 1 4  ? 0.833   -5.599  -0.052 1.00 0.00 ? 4  ASN A ND2  1 
ATOM 58  H H    . ASN A 1 4  ? 1.581   -5.401  -2.215 1.00 0.00 ? 4  ASN A H    1 
ATOM 59  H HA   . ASN A 1 4  ? -0.233  -7.150  -3.647 1.00 0.00 ? 4  ASN A HA   1 
ATOM 60  H HB2  . ASN A 1 4  ? -1.826  -6.466  -1.729 1.00 0.00 ? 4  ASN A HB2  1 
ATOM 61  H HB3  . ASN A 1 4  ? -0.432  -7.419  -1.260 1.00 0.00 ? 4  ASN A HB3  1 
ATOM 62  H HD21 . ASN A 1 4  ? 1.317   -6.458  -0.215 1.00 0.00 ? 4  ASN A HD21 1 
ATOM 63  H HD22 . ASN A 1 4  ? 1.201   -4.933  0.596  1.00 0.00 ? 4  ASN A HD22 1 
ATOM 64  N N    . GLY A 1 5  ? -0.255  -4.607  -4.809 1.00 0.00 ? 5  GLY A N    1 
ATOM 65  C CA   . GLY A 1 5  ? -0.796  -3.467  -5.526 1.00 0.00 ? 5  GLY A CA   1 
ATOM 66  C C    . GLY A 1 5  ? 0.318   -2.506  -5.950 1.00 0.00 ? 5  GLY A C    1 
ATOM 67  O O    . GLY A 1 5  ? 0.207   -1.836  -6.976 1.00 0.00 ? 5  GLY A O    1 
ATOM 68  H H    . GLY A 1 5  ? 0.552   -5.026  -5.227 1.00 0.00 ? 5  GLY A H    1 
ATOM 69  H HA2  . GLY A 1 5  ? -1.340  -3.810  -6.406 1.00 0.00 ? 5  GLY A HA2  1 
ATOM 70  H HA3  . GLY A 1 5  ? -1.512  -2.941  -4.894 1.00 0.00 ? 5  GLY A HA3  1 
ATOM 71  N N    . GLY A 1 6  ? 1.367   -2.473  -5.141 1.00 0.00 ? 6  GLY A N    1 
ATOM 72  C CA   . GLY A 1 6  ? 2.499   -1.608  -5.420 1.00 0.00 ? 6  GLY A CA   1 
ATOM 73  C C    . GLY A 1 6  ? 2.908   -0.820  -4.173 1.00 0.00 ? 6  GLY A C    1 
ATOM 74  O O    . GLY A 1 6  ? 3.177   0.378   -4.252 1.00 0.00 ? 6  GLY A O    1 
ATOM 75  H H    . GLY A 1 6  ? 1.449   -3.022  -4.310 1.00 0.00 ? 6  GLY A H    1 
ATOM 76  H HA2  . GLY A 1 6  ? 3.341   -2.205  -5.770 1.00 0.00 ? 6  GLY A HA2  1 
ATOM 77  H HA3  . GLY A 1 6  ? 2.244   -0.916  -6.224 1.00 0.00 ? 6  GLY A HA3  1 
ATOM 78  N N    . CYS A 1 7  ? 2.941   -1.526  -3.052 1.00 0.00 ? 7  CYS A N    1 
ATOM 79  C CA   . CYS A 1 7  ? 3.313   -0.907  -1.790 1.00 0.00 ? 7  CYS A CA   1 
ATOM 80  C C    . CYS A 1 7  ? 4.627   -1.533  -1.318 1.00 0.00 ? 7  CYS A C    1 
ATOM 81  O O    . CYS A 1 7  ? 5.210   -2.364  -2.014 1.00 0.00 ? 7  CYS A O    1 
ATOM 82  C CB   . CYS A 1 7  ? 2.206   -1.049  -0.745 1.00 0.00 ? 7  CYS A CB   1 
ATOM 83  S SG   . CYS A 1 7  ? 0.796   0.101   -0.958 1.00 0.00 ? 7  CYS A SG   1 
ATOM 84  H H    . CYS A 1 7  ? 2.721   -2.499  -2.998 1.00 0.00 ? 7  CYS A H    1 
ATOM 85  H HA   . CYS A 1 7  ? 3.439   0.157   -1.988 1.00 0.00 ? 7  CYS A HA   1 
ATOM 86  H HB2  . CYS A 1 7  ? 1.829   -2.071  -0.769 1.00 0.00 ? 7  CYS A HB2  1 
ATOM 87  H HB3  . CYS A 1 7  ? 2.637   -0.892  0.245  1.00 0.00 ? 7  CYS A HB3  1 
ATOM 88  N N    . LEU A 1 8  ? 5.056   -1.108  -0.138 1.00 0.00 ? 8  LEU A N    1 
ATOM 89  C CA   . LEU A 1 8  ? 6.290   -1.617  0.435  1.00 0.00 ? 8  LEU A CA   1 
ATOM 90  C C    . LEU A 1 8  ? 5.992   -2.884  1.238  1.00 0.00 ? 8  LEU A C    1 
ATOM 91  O O    . LEU A 1 8  ? 6.582   -3.935  0.990  1.00 0.00 ? 8  LEU A O    1 
ATOM 92  C CB   . LEU A 1 8  ? 6.993   -0.527  1.246  1.00 0.00 ? 8  LEU A CB   1 
ATOM 93  C CG   . LEU A 1 8  ? 8.224   -0.968  2.040  1.00 0.00 ? 8  LEU A CG   1 
ATOM 94  C CD1  . LEU A 1 8  ? 9.173   -1.792  1.166  1.00 0.00 ? 8  LEU A CD1  1 
ATOM 95  C CD2  . LEU A 1 8  ? 8.928   0.233   2.674  1.00 0.00 ? 8  LEU A CD2  1 
ATOM 96  H H    . LEU A 1 8  ? 4.577   -0.433  0.420  1.00 0.00 ? 8  LEU A H    1 
ATOM 97  H HA   . LEU A 1 8  ? 6.951   -1.879  -0.392 1.00 0.00 ? 8  LEU A HA   1 
ATOM 98  H HB2  . LEU A 1 8  ? 7.292   0.270   0.565  1.00 0.00 ? 8  LEU A HB2  1 
ATOM 99  H HB3  . LEU A 1 8  ? 6.272   -0.097  1.942  1.00 0.00 ? 8  LEU A HB3  1 
ATOM 100 H HG   . LEU A 1 8  ? 7.894   -1.614  2.854  1.00 0.00 ? 8  LEU A HG   1 
ATOM 101 H HD11 . LEU A 1 8  ? 9.024   -1.529  0.119  1.00 0.00 ? 8  LEU A HD11 1 
ATOM 102 H HD12 . LEU A 1 8  ? 10.203  -1.583  1.451  1.00 0.00 ? 8  LEU A HD12 1 
ATOM 103 H HD13 . LEU A 1 8  ? 8.965   -2.854  1.306  1.00 0.00 ? 8  LEU A HD13 1 
ATOM 104 H HD21 . LEU A 1 8  ? 8.230   0.761   3.324  1.00 0.00 ? 8  LEU A HD21 1 
ATOM 105 H HD22 . LEU A 1 8  ? 9.779   -0.113  3.261  1.00 0.00 ? 8  LEU A HD22 1 
ATOM 106 H HD23 . LEU A 1 8  ? 9.275   0.906   1.890  1.00 0.00 ? 8  LEU A HD23 1 
ATOM 107 N N    . ALA A 1 9  ? 5.075   -2.744  2.185  1.00 0.00 ? 9  ALA A N    1 
ATOM 108 C CA   . ALA A 1 9  ? 4.690   -3.864  3.026  1.00 0.00 ? 9  ALA A CA   1 
ATOM 109 C C    . ALA A 1 9  ? 3.996   -3.337  4.284  1.00 0.00 ? 9  ALA A C    1 
ATOM 110 O O    . ALA A 1 9  ? 4.657   -2.984  5.260  1.00 0.00 ? 9  ALA A O    1 
ATOM 111 C CB   . ALA A 1 9  ? 5.926   -4.707  3.350  1.00 0.00 ? 9  ALA A CB   1 
ATOM 112 H H    . ALA A 1 9  ? 4.600   -1.887  2.379  1.00 0.00 ? 9  ALA A H    1 
ATOM 113 H HA   . ALA A 1 9  ? 3.987   -4.476  2.462  1.00 0.00 ? 9  ALA A HA   1 
ATOM 114 H HB1  . ALA A 1 9  ? 6.820   -4.089  3.263  1.00 0.00 ? 9  ALA A HB1  1 
ATOM 115 H HB2  . ALA A 1 9  ? 5.847   -5.089  4.368  1.00 0.00 ? 9  ALA A HB2  1 
ATOM 116 H HB3  . ALA A 1 9  ? 5.990   -5.542  2.653  1.00 0.00 ? 9  ALA A HB3  1 
ATOM 117 N N    . GLY A 1 10 ? 2.673   -3.302  4.221  1.00 0.00 ? 10 GLY A N    1 
ATOM 118 C CA   . GLY A 1 10 ? 1.883   -2.824  5.342  1.00 0.00 ? 10 GLY A CA   1 
ATOM 119 C C    . GLY A 1 10 ? 0.975   -1.668  4.920  1.00 0.00 ? 10 GLY A C    1 
ATOM 120 O O    . GLY A 1 10 ? -0.170  -1.580  5.361  1.00 0.00 ? 10 GLY A O    1 
ATOM 121 H H    . GLY A 1 10 ? 2.144   -3.591  3.424  1.00 0.00 ? 10 GLY A H    1 
ATOM 122 H HA2  . GLY A 1 10 ? 1.280   -3.640  5.739  1.00 0.00 ? 10 GLY A HA2  1 
ATOM 123 H HA3  . GLY A 1 10 ? 2.545   -2.497  6.144  1.00 0.00 ? 10 GLY A HA3  1 
ATOM 124 N N    . TYR A 1 11 ? 1.519   -0.810  4.069  1.00 0.00 ? 11 TYR A N    1 
ATOM 125 C CA   . TYR A 1 11 ? 0.771   0.337   3.583  1.00 0.00 ? 11 TYR A CA   1 
ATOM 126 C C    . TYR A 1 11 ? -0.530  -0.103  2.908  1.00 0.00 ? 11 TYR A C    1 
ATOM 127 O O    . TYR A 1 11 ? -0.634  -1.231  2.427  1.00 0.00 ? 11 TYR A O    1 
ATOM 128 C CB   . TYR A 1 11 ? 1.667   1.014   2.543  1.00 0.00 ? 11 TYR A CB   1 
ATOM 129 C CG   . TYR A 1 11 ? 2.925   1.656   3.131  1.00 0.00 ? 11 TYR A CG   1 
ATOM 130 C CD1  . TYR A 1 11 ? 2.853   2.904   3.716  1.00 0.00 ? 11 TYR A CD1  1 
ATOM 131 C CD2  . TYR A 1 11 ? 4.133   0.989   3.074  1.00 0.00 ? 11 TYR A CD2  1 
ATOM 132 C CE1  . TYR A 1 11 ? 4.038   3.509   4.270  1.00 0.00 ? 11 TYR A CE1  1 
ATOM 133 C CE2  . TYR A 1 11 ? 5.316   1.593   3.627  1.00 0.00 ? 11 TYR A CE2  1 
ATOM 134 C CZ   . TYR A 1 11 ? 5.211   2.824   4.197  1.00 0.00 ? 11 TYR A CZ   1 
ATOM 135 O OH   . TYR A 1 11 ? 6.329   3.395   4.720  1.00 0.00 ? 11 TYR A OH   1 
ATOM 136 H H    . TYR A 1 11 ? 2.450   -0.889  3.715  1.00 0.00 ? 11 TYR A H    1 
ATOM 137 H HA   . TYR A 1 11 ? 0.533   0.970   4.437  1.00 0.00 ? 11 TYR A HA   1 
ATOM 138 H HB2  . TYR A 1 11 ? 1.963   0.276   1.797  1.00 0.00 ? 11 TYR A HB2  1 
ATOM 139 H HB3  . TYR A 1 11 ? 1.090   1.778   2.023  1.00 0.00 ? 11 TYR A HB3  1 
ATOM 140 H HD1  . TYR A 1 11 ? 1.901   3.432   3.761  1.00 0.00 ? 11 TYR A HD1  1 
ATOM 141 H HD2  . TYR A 1 11 ? 4.189   0.003   2.612  1.00 0.00 ? 11 TYR A HD2  1 
ATOM 142 H HE1  . TYR A 1 11 ? 3.996   4.494   4.735  1.00 0.00 ? 11 TYR A HE1  1 
ATOM 143 H HE2  . TYR A 1 11 ? 6.275   1.077   3.590  1.00 0.00 ? 11 TYR A HE2  1 
ATOM 144 H HH   . TYR A 1 11 ? 6.855   2.715   5.228  1.00 0.00 ? 11 TYR A HH   1 
ATOM 145 N N    . MET A 1 12 ? -1.489  0.810   2.892  1.00 0.00 ? 12 MET A N    1 
ATOM 146 C CA   . MET A 1 12 ? -2.778  0.531   2.285  1.00 0.00 ? 12 MET A CA   1 
ATOM 147 C C    . MET A 1 12 ? -2.968  1.343   1.003  1.00 0.00 ? 12 MET A C    1 
ATOM 148 O O    . MET A 1 12 ? -2.290  2.348   0.794  1.00 0.00 ? 12 MET A O    1 
ATOM 149 C CB   . MET A 1 12 ? -3.895  0.873   3.275  1.00 0.00 ? 12 MET A CB   1 
ATOM 150 C CG   . MET A 1 12 ? -3.600  2.187   4.002  1.00 0.00 ? 12 MET A CG   1 
ATOM 151 S SD   . MET A 1 12 ? -5.106  2.860   4.682  1.00 0.00 ? 12 MET A SD   1 
ATOM 152 C CE   . MET A 1 12 ? -4.631  4.572   4.853  1.00 0.00 ? 12 MET A CE   1 
ATOM 153 H H    . MET A 1 12 ? -1.397  1.725   3.287  1.00 0.00 ? 12 MET A H    1 
ATOM 154 H HA   . MET A 1 12 ? -2.769  -0.533  2.052  1.00 0.00 ? 12 MET A HA   1 
ATOM 155 H HB2  . MET A 1 12 ? -4.844  0.952   2.746  1.00 0.00 ? 12 MET A HB2  1 
ATOM 156 H HB3  . MET A 1 12 ? -4.002  0.066   4.002  1.00 0.00 ? 12 MET A HB3  1 
ATOM 157 H HG2  . MET A 1 12 ? -2.876  2.015   4.799  1.00 0.00 ? 12 MET A HG2  1 
ATOM 158 H HG3  . MET A 1 12 ? -3.150  2.901   3.312  1.00 0.00 ? 12 MET A HG3  1 
ATOM 159 H HE1  . MET A 1 12 ? -4.349  4.970   3.878  1.00 0.00 ? 12 MET A HE1  1 
ATOM 160 H HE2  . MET A 1 12 ? -5.468  5.143   5.252  1.00 0.00 ? 12 MET A HE2  1 
ATOM 161 H HE3  . MET A 1 12 ? -3.783  4.647   5.534  1.00 0.00 ? 12 MET A HE3  1 
ATOM 162 N N    . ARG A 1 13 ? -3.893  0.878   0.176  1.00 0.00 ? 13 ARG A N    1 
ATOM 163 C CA   . ARG A 1 13 ? -4.179  1.548   -1.081 1.00 0.00 ? 13 ARG A CA   1 
ATOM 164 C C    . ARG A 1 13 ? -5.387  2.475   -0.925 1.00 0.00 ? 13 ARG A C    1 
ATOM 165 O O    . ARG A 1 13 ? -6.527  2.014   -0.896 1.00 0.00 ? 13 ARG A O    1 
ATOM 166 C CB   . ARG A 1 13 ? -4.463  0.536   -2.192 1.00 0.00 ? 13 ARG A CB   1 
ATOM 167 C CG   . ARG A 1 13 ? -3.205  0.264   -3.021 1.00 0.00 ? 13 ARG A CG   1 
ATOM 168 C CD   . ARG A 1 13 ? -3.402  0.697   -4.475 1.00 0.00 ? 13 ARG A CD   1 
ATOM 169 N NE   . ARG A 1 13 ? -3.124  -0.437  -5.383 1.00 0.00 ? 13 ARG A NE   1 
ATOM 170 C CZ   . ARG A 1 13 ? -3.642  -0.561  -6.612 1.00 0.00 ? 13 ARG A CZ   1 
ATOM 171 N NH1  . ARG A 1 13 ? -4.470  0.379   -7.087 1.00 0.00 ? 13 ARG A NH1  1 
ATOM 172 N NH2  . ARG A 1 13 ? -3.334  -1.626  -7.366 1.00 0.00 ? 13 ARG A NH2  1 
ATOM 173 H H    . ARG A 1 13 ? -4.441  0.059   0.353  1.00 0.00 ? 13 ARG A H    1 
ATOM 174 H HA   . ARG A 1 13 ? -3.276  2.114   -1.307 1.00 0.00 ? 13 ARG A HA   1 
ATOM 175 H HB2  . ARG A 1 13 ? -4.824  -0.396  -1.758 1.00 0.00 ? 13 ARG A HB2  1 
ATOM 176 H HB3  . ARG A 1 13 ? -5.255  0.913   -2.840 1.00 0.00 ? 13 ARG A HB3  1 
ATOM 177 H HG2  . ARG A 1 13 ? -2.359  0.800   -2.589 1.00 0.00 ? 13 ARG A HG2  1 
ATOM 178 H HG3  . ARG A 1 13 ? -2.962  -0.797  -2.983 1.00 0.00 ? 13 ARG A HG3  1 
ATOM 179 H HD2  . ARG A 1 13 ? -4.422  1.050   -4.623 1.00 0.00 ? 13 ARG A HD2  1 
ATOM 180 H HD3  . ARG A 1 13 ? -2.739  1.531   -4.708 1.00 0.00 ? 13 ARG A HD3  1 
ATOM 181 H HE   . ARG A 1 13 ? -2.509  -1.158  -5.059 1.00 0.00 ? 13 ARG A HE   1 
ATOM 182 H HH11 . ARG A 1 13 ? -4.700  1.173   -6.525 1.00 0.00 ? 13 ARG A HH11 1 
ATOM 183 H HH12 . ARG A 1 13 ? -4.859  0.286   -8.005 1.00 0.00 ? 13 ARG A HH12 1 
ATOM 184 H HH21 . ARG A 1 13 ? -2.716  -2.327  -7.011 1.00 0.00 ? 13 ARG A HH21 1 
ATOM 185 H HH22 . ARG A 1 13 ? -3.722  -1.717  -8.282 1.00 0.00 ? 13 ARG A HH22 1 
ATOM 186 N N    . THR A 1 14 ? -5.096  3.763   -0.828 1.00 0.00 ? 14 THR A N    1 
ATOM 187 C CA   . THR A 1 14 ? -6.143  4.759   -0.675 1.00 0.00 ? 14 THR A CA   1 
ATOM 188 C C    . THR A 1 14 ? -7.097  4.716   -1.871 1.00 0.00 ? 14 THR A C    1 
ATOM 189 O O    . THR A 1 14 ? -7.102  3.749   -2.632 1.00 0.00 ? 14 THR A O    1 
ATOM 190 C CB   . THR A 1 14 ? -5.475  6.121   -0.478 1.00 0.00 ? 14 THR A CB   1 
ATOM 191 O OG1  . THR A 1 14 ? -4.604  6.246   -1.599 1.00 0.00 ? 14 THR A OG1  1 
ATOM 192 C CG2  . THR A 1 14 ? -4.535  6.144   0.729  1.00 0.00 ? 14 THR A CG2  1 
ATOM 193 H H    . THR A 1 14 ? -4.164  4.130   -0.851 1.00 0.00 ? 14 THR A H    1 
ATOM 194 H HA   . THR A 1 14 ? -6.727  4.509   0.209  1.00 0.00 ? 14 THR A HA   1 
ATOM 195 H HB   . THR A 1 14 ? -6.220  6.914   -0.407 1.00 0.00 ? 14 THR A HB   1 
ATOM 196 H HG1  . THR A 1 14 ? -4.640  7.178   -1.959 1.00 0.00 ? 14 THR A HG1  1 
ATOM 197 H HG21 . THR A 1 14 ? -3.920  5.244   0.728  1.00 0.00 ? 14 THR A HG21 1 
ATOM 198 H HG22 . THR A 1 14 ? -3.893  7.024   0.672  1.00 0.00 ? 14 THR A HG22 1 
ATOM 199 H HG23 . THR A 1 14 ? -5.123  6.182   1.646  1.00 0.00 ? 14 THR A HG23 1 
ATOM 200 N N    . ALA A 1 15 ? -7.881  5.776   -1.998 1.00 0.00 ? 15 ALA A N    1 
ATOM 201 C CA   . ALA A 1 15 ? -8.837  5.872   -3.087 1.00 0.00 ? 15 ALA A CA   1 
ATOM 202 C C    . ALA A 1 15 ? -8.142  6.453   -4.321 1.00 0.00 ? 15 ALA A C    1 
ATOM 203 O O    . ALA A 1 15 ? -8.761  6.604   -5.373 1.00 0.00 ? 15 ALA A O    1 
ATOM 204 C CB   . ALA A 1 15 ? -10.035 6.714   -2.644 1.00 0.00 ? 15 ALA A CB   1 
ATOM 205 H H    . ALA A 1 15 ? -7.870  6.557   -1.376 1.00 0.00 ? 15 ALA A H    1 
ATOM 206 H HA   . ALA A 1 15 ? -9.181  4.863   -3.316 1.00 0.00 ? 15 ALA A HA   1 
ATOM 207 H HB1  . ALA A 1 15 ? -9.783  7.251   -1.728 1.00 0.00 ? 15 ALA A HB1  1 
ATOM 208 H HB2  . ALA A 1 15 ? -10.288 7.429   -3.427 1.00 0.00 ? 15 ALA A HB2  1 
ATOM 209 H HB3  . ALA A 1 15 ? -10.888 6.061   -2.458 1.00 0.00 ? 15 ALA A HB3  1 
ATOM 210 N N    . ASP A 1 16 ? -6.865  6.763   -4.150 1.00 0.00 ? 16 ASP A N    1 
ATOM 211 C CA   . ASP A 1 16 ? -6.079  7.323   -5.236 1.00 0.00 ? 16 ASP A CA   1 
ATOM 212 C C    . ASP A 1 16 ? -4.949  6.358   -5.593 1.00 0.00 ? 16 ASP A C    1 
ATOM 213 O O    . ASP A 1 16 ? -4.290  6.521   -6.619 1.00 0.00 ? 16 ASP A O    1 
ATOM 214 C CB   . ASP A 1 16 ? -5.451  8.657   -4.830 1.00 0.00 ? 16 ASP A CB   1 
ATOM 215 C CG   . ASP A 1 16 ? -5.891  9.861   -5.664 1.00 0.00 ? 16 ASP A CG   1 
ATOM 216 O OD1  . ASP A 1 16 ? -6.472  9.622   -6.744 1.00 0.00 ? 16 ASP A OD1  1 
ATOM 217 O OD2  . ASP A 1 16 ? -5.636  10.996  -5.203 1.00 0.00 ? 16 ASP A OD2  1 
ATOM 218 H H    . ASP A 1 16 ? -6.369  6.637   -3.291 1.00 0.00 ? 16 ASP A H    1 
ATOM 219 H HA   . ASP A 1 16 ? -6.783  7.464   -6.056 1.00 0.00 ? 16 ASP A HA   1 
ATOM 220 H HB2  . ASP A 1 16 ? -5.691  8.852   -3.783 1.00 0.00 ? 16 ASP A HB2  1 
ATOM 221 H HB3  . ASP A 1 16 ? -4.367  8.566   -4.894 1.00 0.00 ? 16 ASP A HB3  1 
ATOM 222 N N    . GLY A 1 17 ? -4.759  5.372   -4.727 1.00 0.00 ? 17 GLY A N    1 
ATOM 223 C CA   . GLY A 1 17 ? -3.720  4.380   -4.938 1.00 0.00 ? 17 GLY A CA   1 
ATOM 224 C C    . GLY A 1 17 ? -2.464  4.720   -4.132 1.00 0.00 ? 17 GLY A C    1 
ATOM 225 O O    . GLY A 1 17 ? -1.483  3.978   -4.161 1.00 0.00 ? 17 GLY A O    1 
ATOM 226 H H    . GLY A 1 17 ? -5.300  5.248   -3.896 1.00 0.00 ? 17 GLY A H    1 
ATOM 227 H HA2  . GLY A 1 17 ? -4.087  3.396   -4.649 1.00 0.00 ? 17 GLY A HA2  1 
ATOM 228 H HA3  . GLY A 1 17 ? -3.471  4.329   -5.999 1.00 0.00 ? 17 GLY A HA3  1 
ATOM 229 N N    . ARG A 1 18 ? -2.536  5.843   -3.432 1.00 0.00 ? 18 ARG A N    1 
ATOM 230 C CA   . ARG A 1 18 ? -1.418  6.289   -2.619 1.00 0.00 ? 18 ARG A CA   1 
ATOM 231 C C    . ARG A 1 18 ? -1.191  5.326   -1.452 1.00 0.00 ? 18 ARG A C    1 
ATOM 232 O O    . ARG A 1 18 ? -1.990  5.278   -0.518 1.00 0.00 ? 18 ARG A O    1 
ATOM 233 C CB   . ARG A 1 18 ? -1.666  7.696   -2.068 1.00 0.00 ? 18 ARG A CB   1 
ATOM 234 C CG   . ARG A 1 18 ? -2.273  8.605   -3.139 1.00 0.00 ? 18 ARG A CG   1 
ATOM 235 C CD   . ARG A 1 18 ? -1.868  10.064  -2.915 1.00 0.00 ? 18 ARG A CD   1 
ATOM 236 N NE   . ARG A 1 18 ? -1.446  10.674  -4.196 1.00 0.00 ? 18 ARG A NE   1 
ATOM 237 C CZ   . ARG A 1 18 ? -1.510  11.985  -4.460 1.00 0.00 ? 18 ARG A CZ   1 
ATOM 238 N NH1  . ARG A 1 18 ? -1.980  12.832  -3.534 1.00 0.00 ? 18 ARG A NH1  1 
ATOM 239 N NH2  . ARG A 1 18 ? -1.105  12.449  -5.649 1.00 0.00 ? 18 ARG A NH2  1 
ATOM 240 H H    . ARG A 1 18 ? -3.338  6.440   -3.414 1.00 0.00 ? 18 ARG A H    1 
ATOM 241 H HA   . ARG A 1 18 ? -0.565  6.294   -3.297 1.00 0.00 ? 18 ARG A HA   1 
ATOM 242 H HB2  . ARG A 1 18 ? -2.334  7.642   -1.210 1.00 0.00 ? 18 ARG A HB2  1 
ATOM 243 H HB3  . ARG A 1 18 ? -0.726  8.122   -1.715 1.00 0.00 ? 18 ARG A HB3  1 
ATOM 244 H HG2  . ARG A 1 18 ? -1.945  8.280   -4.126 1.00 0.00 ? 18 ARG A HG2  1 
ATOM 245 H HG3  . ARG A 1 18 ? -3.360  8.518   -3.120 1.00 0.00 ? 18 ARG A HG3  1 
ATOM 246 H HD2  . ARG A 1 18 ? -2.706  10.621  -2.496 1.00 0.00 ? 18 ARG A HD2  1 
ATOM 247 H HD3  . ARG A 1 18 ? -1.055  10.116  -2.192 1.00 0.00 ? 18 ARG A HD3  1 
ATOM 248 H HE   . ARG A 1 18 ? -1.091  10.069  -4.908 1.00 0.00 ? 18 ARG A HE   1 
ATOM 249 H HH11 . ARG A 1 18 ? -2.282  12.486  -2.645 1.00 0.00 ? 18 ARG A HH11 1 
ATOM 250 H HH12 . ARG A 1 18 ? -2.027  13.812  -3.731 1.00 0.00 ? 18 ARG A HH12 1 
ATOM 251 H HH21 . ARG A 1 18 ? -0.754  11.816  -6.341 1.00 0.00 ? 18 ARG A HH21 1 
ATOM 252 H HH22 . ARG A 1 18 ? -1.152  13.429  -5.846 1.00 0.00 ? 18 ARG A HH22 1 
ATOM 253 N N    . CYS A 1 19 ? -0.098  4.583   -1.543 1.00 0.00 ? 19 CYS A N    1 
ATOM 254 C CA   . CYS A 1 19 ? 0.245   3.623   -0.508 1.00 0.00 ? 19 CYS A CA   1 
ATOM 255 C C    . CYS A 1 19 ? 0.397   4.378   0.814  1.00 0.00 ? 19 CYS A C    1 
ATOM 256 O O    . CYS A 1 19 ? 1.464   4.915   1.108  1.00 0.00 ? 19 CYS A O    1 
ATOM 257 C CB   . CYS A 1 19 ? 1.505   2.834   -0.863 1.00 0.00 ? 19 CYS A CB   1 
ATOM 258 S SG   . CYS A 1 19 ? 1.313   1.666   -2.259 1.00 0.00 ? 19 CYS A SG   1 
ATOM 259 H H    . CYS A 1 19 ? 0.546   4.628   -2.308 1.00 0.00 ? 19 CYS A H    1 
ATOM 260 H HA   . CYS A 1 19 ? -0.579  2.912   -0.455 1.00 0.00 ? 19 CYS A HA   1 
ATOM 261 H HB2  . CYS A 1 19 ? 2.303   3.536   -1.103 1.00 0.00 ? 19 CYS A HB2  1 
ATOM 262 H HB3  . CYS A 1 19 ? 1.828   2.276   0.017  1.00 0.00 ? 19 CYS A HB3  1 
ATOM 263 N N    . LYS A 1 20 ? -0.687  4.396   1.576  1.00 0.00 ? 20 LYS A N    1 
ATOM 264 C CA   . LYS A 1 20 ? -0.687  5.076   2.861  1.00 0.00 ? 20 LYS A CA   1 
ATOM 265 C C    . LYS A 1 20 ? -0.401  4.061   3.970  1.00 0.00 ? 20 LYS A C    1 
ATOM 266 O O    . LYS A 1 20 ? -0.332  2.860   3.716  1.00 0.00 ? 20 LYS A O    1 
ATOM 267 C CB   . LYS A 1 20 ? -1.993  5.848   3.057  1.00 0.00 ? 20 LYS A CB   1 
ATOM 268 C CG   . LYS A 1 20 ? -1.744  7.359   3.033  1.00 0.00 ? 20 LYS A CG   1 
ATOM 269 C CD   . LYS A 1 20 ? -3.032  8.130   3.332  1.00 0.00 ? 20 LYS A CD   1 
ATOM 270 C CE   . LYS A 1 20 ? -2.773  9.638   3.361  1.00 0.00 ? 20 LYS A CE   1 
ATOM 271 N NZ   . LYS A 1 20 ? -3.729  10.312  4.267  1.00 0.00 ? 20 LYS A NZ   1 
ATOM 272 H H    . LYS A 1 20 ? -1.550  3.956   1.331  1.00 0.00 ? 20 LYS A H    1 
ATOM 273 H HA   . LYS A 1 20 ? 0.122   5.807   2.844  1.00 0.00 ? 20 LYS A HA   1 
ATOM 274 H HB2  . LYS A 1 20 ? -2.701  5.579   2.273  1.00 0.00 ? 20 LYS A HB2  1 
ATOM 275 H HB3  . LYS A 1 20 ? -2.447  5.567   4.006  1.00 0.00 ? 20 LYS A HB3  1 
ATOM 276 H HG2  . LYS A 1 20 ? -0.982  7.618   3.767  1.00 0.00 ? 20 LYS A HG2  1 
ATOM 277 H HG3  . LYS A 1 20 ? -1.360  7.652   2.055  1.00 0.00 ? 20 LYS A HG3  1 
ATOM 278 H HD2  . LYS A 1 20 ? -3.782  7.901   2.575  1.00 0.00 ? 20 LYS A HD2  1 
ATOM 279 H HD3  . LYS A 1 20 ? -3.437  7.809   4.292  1.00 0.00 ? 20 LYS A HD3  1 
ATOM 280 H HE2  . LYS A 1 20 ? -1.751  9.831   3.691  1.00 0.00 ? 20 LYS A HE2  1 
ATOM 281 H HE3  . LYS A 1 20 ? -2.864  10.048  2.355  1.00 0.00 ? 20 LYS A HE3  1 
ATOM 282 H HZ1  . LYS A 1 20 ? -4.162  9.632   4.859  1.00 0.00 ? 20 LYS A HZ1  1 
ATOM 283 H HZ2  . LYS A 1 20 ? -3.242  10.981  4.828  1.00 0.00 ? 20 LYS A HZ2  1 
ATOM 284 H HZ3  . LYS A 1 20 ? -4.430  10.776  3.726  1.00 0.00 ? 20 LYS A HZ3  1 
ATOM 285 N N    . PRO A 1 21 ? -0.235  4.597   5.210  1.00 0.00 ? 21 PRO A N    1 
ATOM 286 C CA   . PRO A 1 21 ? 0.042   3.753   6.359  1.00 0.00 ? 21 PRO A CA   1 
ATOM 287 C C    . PRO A 1 21 ? -1.217  3.007   6.808  1.00 0.00 ? 21 PRO A C    1 
ATOM 288 O O    . PRO A 1 21 ? -2.319  3.552   6.752  1.00 0.00 ? 21 PRO A O    1 
ATOM 289 C CB   . PRO A 1 21 ? 0.585   4.696   7.418  1.00 0.00 ? 21 PRO A CB   1 
ATOM 290 C CG   . PRO A 1 21 ? 0.158   6.091   6.992  1.00 0.00 ? 21 PRO A CG   1 
ATOM 291 C CD   . PRO A 1 21 ? -0.310  6.014   5.549  1.00 0.00 ? 21 PRO A CD   1 
ATOM 292 H HA   . PRO A 1 21 ? 0.706   3.044   6.117  1.00 0.00 ? 21 PRO A HA   1 
ATOM 293 H HB2  . PRO A 1 21 ? 0.186   4.449   8.403  1.00 0.00 ? 21 PRO A HB2  1 
ATOM 294 H HB3  . PRO A 1 21 ? 1.671   4.623   7.487  1.00 0.00 ? 21 PRO A HB3  1 
ATOM 295 H HG2  . PRO A 1 21 ? -0.643  6.458   7.635  1.00 0.00 ? 21 PRO A HG2  1 
ATOM 296 H HG3  . PRO A 1 21 ? 0.989   6.790   7.088  1.00 0.00 ? 21 PRO A HG3  1 
ATOM 297 H HD2  . PRO A 1 21 ? -1.326  6.396   5.441  1.00 0.00 ? 21 PRO A HD2  1 
ATOM 298 H HD3  . PRO A 1 21 ? 0.325   6.612   4.894  1.00 0.00 ? 21 PRO A HD3  1 
ATOM 299 N N    . THR A 1 22 ? -1.011  1.774   7.249  1.00 0.00 ? 22 THR A N    1 
ATOM 300 C CA   . THR A 1 22 ? -2.116  0.950   7.708  1.00 0.00 ? 22 THR A CA   1 
ATOM 301 C C    . THR A 1 22 ? -2.031  0.740   9.220  1.00 0.00 ? 22 THR A C    1 
ATOM 302 O O    . THR A 1 22 ? -2.792  -0.043  9.787  1.00 0.00 ? 22 THR A O    1 
ATOM 303 C CB   . THR A 1 22 ? -2.094  -0.356  6.912  1.00 0.00 ? 22 THR A CB   1 
ATOM 304 O OG1  . THR A 1 22 ? -1.938  0.065   5.559  1.00 0.00 ? 22 THR A OG1  1 
ATOM 305 C CG2  . THR A 1 22 ? -3.446  -1.072  6.924  1.00 0.00 ? 22 THR A CG2  1 
ATOM 306 H H    . THR A 1 22 ? -0.112  1.339   7.292  1.00 0.00 ? 22 THR A H    1 
ATOM 307 H HA   . THR A 1 22 ? -3.047  1.481   7.511  1.00 0.00 ? 22 THR A HA   1 
ATOM 308 H HB   . THR A 1 22 ? -1.302  -1.015  7.265  1.00 0.00 ? 22 THR A HB   1 
ATOM 309 H HG1  . THR A 1 22 ? -2.006  -0.722  4.945  1.00 0.00 ? 22 THR A HG1  1 
ATOM 310 H HG21 . THR A 1 22 ? -4.225  -0.384  6.594  1.00 0.00 ? 22 THR A HG21 1 
ATOM 311 H HG22 . THR A 1 22 ? -3.411  -1.930  6.252  1.00 0.00 ? 22 THR A HG22 1 
ATOM 312 H HG23 . THR A 1 22 ? -3.667  -1.412  7.936  1.00 0.00 ? 22 THR A HG23 1 
ATOM 313 N N    . PHE A 1 23 ? -1.097  1.453   9.834  1.00 0.00 ? 23 PHE A N    1 
ATOM 314 C CA   . PHE A 1 23 ? -0.902  1.355   11.270 1.00 0.00 ? 23 PHE A CA   1 
ATOM 315 C C    . PHE A 1 23 ? -1.324  2.648   11.970 1.00 0.00 ? 23 PHE A C    1 
ATOM 316 O O    . PHE A 1 23 ? -2.454  2.762   12.443 1.00 0.00 ? 23 PHE A O    1 
ATOM 317 C CB   . PHE A 1 23 ? 0.593   1.127   11.504 1.00 0.00 ? 23 PHE A CB   1 
ATOM 318 C CG   . PHE A 1 23 ? 1.499   2.043   10.678 1.00 0.00 ? 23 PHE A CG   1 
ATOM 319 C CD1  . PHE A 1 23 ? 1.847   3.267   11.160 1.00 0.00 ? 23 PHE A CD1  1 
ATOM 320 C CD2  . PHE A 1 23 ? 1.956   1.633   9.466  1.00 0.00 ? 23 PHE A CD2  1 
ATOM 321 C CE1  . PHE A 1 23 ? 2.688   4.118   10.393 1.00 0.00 ? 23 PHE A CE1  1 
ATOM 322 C CE2  . PHE A 1 23 ? 2.797   2.485   8.700  1.00 0.00 ? 23 PHE A CE2  1 
ATOM 323 C CZ   . PHE A 1 23 ? 3.145   3.708   9.180  1.00 0.00 ? 23 PHE A CZ   1 
ATOM 324 H H    . PHE A 1 23 ? -0.482  2.089   9.366  1.00 0.00 ? 23 PHE A H    1 
ATOM 325 H HA   . PHE A 1 23 ? -1.523  0.532   11.624 1.00 0.00 ? 23 PHE A HA   1 
ATOM 326 H HB2  . PHE A 1 23 ? 0.811   1.273   12.561 1.00 0.00 ? 23 PHE A HB2  1 
ATOM 327 H HB3  . PHE A 1 23 ? 0.832   0.089   11.270 1.00 0.00 ? 23 PHE A HB3  1 
ATOM 328 H HD1  . PHE A 1 23 ? 1.481   3.595   12.133 1.00 0.00 ? 23 PHE A HD1  1 
ATOM 329 H HD2  . PHE A 1 23 ? 1.677   0.653   9.080  1.00 0.00 ? 23 PHE A HD2  1 
ATOM 330 H HE1  . PHE A 1 23 ? 2.967   5.099   10.779 1.00 0.00 ? 23 PHE A HE1  1 
ATOM 331 H HE2  . PHE A 1 23 ? 3.162   2.156   7.727  1.00 0.00 ? 23 PHE A HE2  1 
ATOM 332 H HZ   . PHE A 1 23 ? 3.790   4.361   8.592  1.00 0.00 ? 23 PHE A HZ   1 
# 
